data_4V0B
#
_entry.id   4V0B
#
_cell.length_a   119.110
_cell.length_b   119.110
_cell.length_c   34.540
_cell.angle_alpha   90.00
_cell.angle_beta   90.00
_cell.angle_gamma   120.00
#
_symmetry.space_group_name_H-M   'P 6'
#
loop_
_entity.id
_entity.type
_entity.pdbx_description
1 polymer 'ATP-DEPENDENT ZINC METALLOPROTEASE FTSH'
2 non-polymer 'SULFATE ION'
#
_entity_poly.entity_id   1
_entity_poly.type   'polypeptide(L)'
_entity_poly.pdbx_seq_one_letter_code
;MASESNGRKVDYSTFLQEVNNDQVREARINGREINVTKKDSNRYTTYIPVQDPKLLDNLLTKNVKVVGEPPEEPLEHHHH
HH
;
_entity_poly.pdbx_strand_id   A,B,C
#
# COMPACT_ATOMS: atom_id res chain seq x y z
N ARG A 8 -11.56 -30.52 -0.58
CA ARG A 8 -10.39 -31.37 -0.82
C ARG A 8 -9.20 -30.95 0.05
N LYS A 9 -8.47 -31.92 0.57
CA LYS A 9 -7.33 -31.64 1.44
C LYS A 9 -6.04 -32.24 0.88
N VAL A 10 -4.97 -31.45 0.92
CA VAL A 10 -3.68 -31.86 0.37
C VAL A 10 -2.56 -31.67 1.39
N ASP A 11 -1.58 -32.58 1.39
CA ASP A 11 -0.48 -32.53 2.35
C ASP A 11 0.45 -31.35 2.11
N TYR A 12 0.93 -30.75 3.20
CA TYR A 12 1.78 -29.56 3.16
C TYR A 12 3.03 -29.72 2.29
N SER A 13 3.69 -30.87 2.41
CA SER A 13 4.90 -31.13 1.62
C SER A 13 4.58 -31.16 0.12
N THR A 14 3.48 -31.82 -0.22
CA THR A 14 3.02 -31.89 -1.60
C THR A 14 2.66 -30.49 -2.11
N PHE A 15 1.99 -29.72 -1.24
CA PHE A 15 1.63 -28.35 -1.56
C PHE A 15 2.85 -27.51 -1.89
N LEU A 16 3.89 -27.63 -1.07
CA LEU A 16 5.14 -26.92 -1.31
C LEU A 16 5.80 -27.39 -2.60
N GLN A 17 5.64 -28.67 -2.91
CA GLN A 17 6.14 -29.20 -4.17
C GLN A 17 5.45 -28.50 -5.34
N GLU A 18 4.13 -28.39 -5.27
CA GLU A 18 3.37 -27.68 -6.31
C GLU A 18 3.76 -26.22 -6.41
N VAL A 19 4.02 -25.60 -5.27
CA VAL A 19 4.50 -24.21 -5.23
C VAL A 19 5.81 -24.12 -6.00
N ASN A 20 6.65 -25.13 -5.81
CA ASN A 20 7.95 -25.18 -6.47
C ASN A 20 7.85 -25.56 -7.96
N ASN A 21 6.75 -26.18 -8.35
CA ASN A 21 6.50 -26.43 -9.77
C ASN A 21 5.59 -25.41 -10.43
N ASP A 22 5.38 -24.28 -9.76
CA ASP A 22 4.63 -23.16 -10.31
C ASP A 22 3.19 -23.50 -10.74
N GLN A 23 2.57 -24.44 -10.03
CA GLN A 23 1.20 -24.81 -10.32
C GLN A 23 0.23 -24.00 -9.47
N VAL A 24 0.79 -23.09 -8.67
CA VAL A 24 0.00 -22.34 -7.71
C VAL A 24 -0.22 -20.89 -8.12
N ARG A 25 -1.47 -20.45 -8.12
CA ARG A 25 -1.82 -19.08 -8.48
C ARG A 25 -2.00 -18.23 -7.23
N GLU A 26 -2.78 -18.75 -6.28
CA GLU A 26 -3.10 -17.99 -5.07
C GLU A 26 -2.99 -18.87 -3.82
N ALA A 27 -2.71 -18.25 -2.69
CA ALA A 27 -2.65 -18.94 -1.41
C ALA A 27 -3.35 -18.09 -0.36
N ARG A 28 -4.55 -18.52 0.04
CA ARG A 28 -5.31 -17.80 1.04
C ARG A 28 -5.04 -18.36 2.44
N ILE A 29 -4.12 -17.73 3.15
CA ILE A 29 -3.70 -18.19 4.47
C ILE A 29 -4.59 -17.65 5.59
N ASN A 30 -5.09 -18.56 6.42
CA ASN A 30 -5.97 -18.22 7.53
C ASN A 30 -5.53 -19.01 8.76
N GLY A 31 -4.54 -18.49 9.48
CA GLY A 31 -3.92 -19.22 10.56
C GLY A 31 -3.02 -20.31 9.99
N ARG A 32 -3.30 -21.57 10.30
CA ARG A 32 -2.54 -22.66 9.72
C ARG A 32 -3.23 -23.15 8.44
N GLU A 33 -4.48 -22.75 8.25
CA GLU A 33 -5.22 -23.15 7.06
C GLU A 33 -4.88 -22.28 5.85
N ILE A 34 -4.46 -22.94 4.78
CA ILE A 34 -4.19 -22.29 3.51
C ILE A 34 -5.17 -22.80 2.47
N ASN A 35 -6.01 -21.90 1.97
CA ASN A 35 -6.90 -22.21 0.86
C ASN A 35 -6.17 -21.88 -0.44
N VAL A 36 -5.96 -22.90 -1.26
CA VAL A 36 -5.11 -22.81 -2.43
C VAL A 36 -5.91 -22.88 -3.72
N THR A 37 -5.54 -22.03 -4.67
CA THR A 37 -6.06 -22.04 -6.01
C THR A 37 -4.91 -22.25 -6.97
N LYS A 38 -5.00 -23.29 -7.79
CA LYS A 38 -3.95 -23.59 -8.74
C LYS A 38 -4.09 -22.74 -9.99
N LYS A 39 -3.11 -22.80 -10.87
CA LYS A 39 -3.17 -22.03 -12.11
C LYS A 39 -4.22 -22.58 -13.07
N ASP A 40 -4.63 -23.82 -12.85
CA ASP A 40 -5.71 -24.44 -13.63
C ASP A 40 -7.07 -24.23 -12.95
N SER A 41 -7.10 -23.25 -12.05
CA SER A 41 -8.33 -22.83 -11.35
C SER A 41 -8.83 -23.80 -10.27
N ASN A 42 -8.12 -24.92 -10.10
CA ASN A 42 -8.44 -25.91 -9.07
C ASN A 42 -8.27 -25.44 -7.63
N ARG A 43 -9.11 -25.97 -6.76
CA ARG A 43 -9.18 -25.57 -5.36
C ARG A 43 -8.76 -26.71 -4.45
N TYR A 44 -7.99 -26.42 -3.41
CA TYR A 44 -7.81 -27.38 -2.33
C TYR A 44 -7.41 -26.69 -1.02
N THR A 45 -7.43 -27.44 0.07
CA THR A 45 -7.03 -26.89 1.36
C THR A 45 -5.83 -27.65 1.93
N THR A 46 -4.84 -26.92 2.42
CA THR A 46 -3.71 -27.54 3.11
C THR A 46 -3.50 -26.88 4.46
N TYR A 47 -2.90 -27.59 5.41
CA TYR A 47 -2.65 -27.00 6.72
C TYR A 47 -1.17 -26.90 7.05
N ILE A 48 -0.79 -25.76 7.63
CA ILE A 48 0.58 -25.57 8.08
C ILE A 48 0.81 -26.44 9.30
N PRO A 49 1.79 -27.34 9.23
CA PRO A 49 1.99 -28.34 10.29
C PRO A 49 2.67 -27.75 11.51
N VAL A 50 3.73 -26.97 11.29
CA VAL A 50 4.38 -26.20 12.33
C VAL A 50 4.77 -24.87 11.70
N GLN A 51 5.09 -23.88 12.54
CA GLN A 51 5.49 -22.56 12.06
C GLN A 51 6.60 -22.66 11.02
N ASP A 52 6.35 -22.09 9.84
CA ASP A 52 7.30 -22.17 8.74
C ASP A 52 7.72 -20.78 8.31
N PRO A 53 8.88 -20.32 8.79
CA PRO A 53 9.42 -18.98 8.50
C PRO A 53 9.76 -18.83 7.02
N LYS A 54 9.99 -19.95 6.34
CA LYS A 54 10.36 -19.94 4.93
C LYS A 54 9.16 -19.94 4.00
N LEU A 55 7.95 -20.07 4.56
CA LEU A 55 6.73 -20.17 3.76
C LEU A 55 6.50 -18.93 2.90
N LEU A 56 6.41 -17.77 3.55
CA LEU A 56 6.17 -16.51 2.86
C LEU A 56 7.19 -16.26 1.77
N ASP A 57 8.46 -16.47 2.11
CA ASP A 57 9.57 -16.24 1.21
C ASP A 57 9.45 -17.15 -0.02
N ASN A 58 8.99 -18.37 0.23
CA ASN A 58 8.78 -19.35 -0.83
C ASN A 58 7.64 -18.94 -1.78
N LEU A 59 6.51 -18.56 -1.19
CA LEU A 59 5.37 -18.11 -1.98
C LEU A 59 5.71 -16.89 -2.83
N LEU A 60 6.42 -15.95 -2.24
CA LEU A 60 6.76 -14.71 -2.93
C LEU A 60 7.79 -14.93 -4.03
N THR A 61 8.73 -15.85 -3.80
CA THR A 61 9.75 -16.12 -4.81
C THR A 61 9.15 -16.77 -6.04
N LYS A 62 8.05 -17.50 -5.84
CA LYS A 62 7.38 -18.20 -6.94
C LYS A 62 6.18 -17.40 -7.47
N ASN A 63 6.19 -16.11 -7.19
CA ASN A 63 5.13 -15.20 -7.63
C ASN A 63 3.72 -15.69 -7.32
N VAL A 64 3.54 -16.26 -6.14
CA VAL A 64 2.22 -16.67 -5.69
C VAL A 64 1.52 -15.48 -5.06
N LYS A 65 0.27 -15.24 -5.45
CA LYS A 65 -0.54 -14.23 -4.78
C LYS A 65 -0.81 -14.69 -3.36
N VAL A 66 -0.37 -13.90 -2.38
CA VAL A 66 -0.53 -14.24 -0.98
C VAL A 66 -1.50 -13.28 -0.31
N VAL A 67 -2.50 -13.83 0.36
CA VAL A 67 -3.54 -13.03 1.00
C VAL A 67 -3.82 -13.55 2.40
N GLY A 68 -4.07 -12.64 3.34
CA GLY A 68 -4.47 -13.04 4.67
C GLY A 68 -5.91 -12.63 4.94
N GLU A 69 -6.48 -13.16 6.02
CA GLU A 69 -7.89 -12.91 6.34
C GLU A 69 -8.00 -12.27 7.72
N PRO A 70 -9.02 -11.42 7.91
CA PRO A 70 -9.30 -10.77 9.20
C PRO A 70 -9.26 -11.74 10.37
N ARG B 8 -11.19 -0.69 0.93
CA ARG B 8 -10.65 -1.50 -0.17
C ARG B 8 -9.54 -2.40 0.37
N LYS B 9 -9.48 -3.64 -0.15
CA LYS B 9 -8.50 -4.61 0.34
C LYS B 9 -7.55 -5.08 -0.77
N VAL B 10 -6.28 -5.19 -0.41
CA VAL B 10 -5.22 -5.54 -1.36
C VAL B 10 -4.37 -6.71 -0.84
N ASP B 11 -3.92 -7.57 -1.75
CA ASP B 11 -3.14 -8.74 -1.37
C ASP B 11 -1.78 -8.36 -0.80
N TYR B 12 -1.35 -9.10 0.22
CA TYR B 12 -0.09 -8.83 0.90
C TYR B 12 1.11 -8.79 -0.04
N SER B 13 1.15 -9.73 -0.98
CA SER B 13 2.23 -9.80 -1.95
C SER B 13 2.26 -8.54 -2.81
N THR B 14 1.08 -8.11 -3.23
CA THR B 14 0.92 -6.89 -4.01
C THR B 14 1.40 -5.70 -3.17
N PHE B 15 1.02 -5.69 -1.90
CA PHE B 15 1.44 -4.63 -0.99
C PHE B 15 2.96 -4.53 -0.88
N LEU B 16 3.64 -5.67 -0.74
CA LEU B 16 5.09 -5.68 -0.66
C LEU B 16 5.72 -5.24 -1.98
N GLN B 17 5.08 -5.63 -3.08
CA GLN B 17 5.51 -5.22 -4.41
C GLN B 17 5.50 -3.70 -4.48
N GLU B 18 4.40 -3.10 -4.03
CA GLU B 18 4.26 -1.65 -3.98
C GLU B 18 5.26 -0.98 -3.04
N VAL B 19 5.54 -1.63 -1.91
CA VAL B 19 6.52 -1.13 -0.94
C VAL B 19 7.88 -1.01 -1.58
N ASN B 20 8.30 -2.06 -2.25
CA ASN B 20 9.59 -2.06 -2.92
C ASN B 20 9.60 -1.41 -4.32
N ASN B 21 8.44 -1.12 -4.88
CA ASN B 21 8.38 -0.29 -6.09
C ASN B 21 8.31 1.19 -5.70
N ASP B 22 8.60 1.48 -4.43
CA ASP B 22 8.67 2.85 -3.90
C ASP B 22 7.36 3.61 -4.04
N GLN B 23 6.24 2.89 -4.02
CA GLN B 23 4.93 3.53 -4.13
C GLN B 23 4.23 3.74 -2.77
N VAL B 24 4.90 3.37 -1.69
CA VAL B 24 4.26 3.42 -0.38
C VAL B 24 4.78 4.55 0.50
N ARG B 25 3.85 5.31 1.06
CA ARG B 25 4.18 6.45 1.91
C ARG B 25 4.12 6.09 3.39
N GLU B 26 3.02 5.51 3.82
CA GLU B 26 2.83 5.20 5.23
C GLU B 26 2.20 3.82 5.42
N ALA B 27 2.49 3.19 6.56
CA ALA B 27 1.90 1.91 6.90
C ALA B 27 1.46 1.88 8.36
N ARG B 28 0.15 1.94 8.59
CA ARG B 28 -0.38 1.90 9.94
C ARG B 28 -0.69 0.46 10.33
N ILE B 29 0.24 -0.16 11.05
CA ILE B 29 0.10 -1.56 11.43
C ILE B 29 -0.67 -1.73 12.74
N ASN B 30 -1.69 -2.59 12.71
CA ASN B 30 -2.55 -2.83 13.86
C ASN B 30 -2.74 -4.33 14.02
N GLY B 31 -1.80 -4.97 14.70
CA GLY B 31 -1.78 -6.42 14.76
C GLY B 31 -1.31 -6.94 13.41
N ARG B 32 -2.16 -7.70 12.74
CA ARG B 32 -1.85 -8.18 11.40
C ARG B 32 -2.38 -7.20 10.36
N GLU B 33 -3.24 -6.28 10.80
CA GLU B 33 -3.82 -5.29 9.90
C GLU B 33 -2.87 -4.14 9.61
N ILE B 34 -2.64 -3.90 8.32
CA ILE B 34 -1.84 -2.78 7.87
C ILE B 34 -2.69 -1.83 7.05
N ASN B 35 -2.83 -0.60 7.55
CA ASN B 35 -3.48 0.46 6.81
C ASN B 35 -2.44 1.22 6.00
N VAL B 36 -2.59 1.18 4.69
CA VAL B 36 -1.57 1.66 3.77
C VAL B 36 -2.03 2.93 3.08
N THR B 37 -1.09 3.86 2.93
CA THR B 37 -1.29 5.07 2.15
C THR B 37 -0.24 5.11 1.06
N LYS B 38 -0.68 5.20 -0.18
CA LYS B 38 0.25 5.23 -1.31
C LYS B 38 0.77 6.64 -1.47
N LYS B 39 1.79 6.80 -2.31
CA LYS B 39 2.34 8.13 -2.55
C LYS B 39 1.39 9.00 -3.37
N ASP B 40 0.45 8.37 -4.06
CA ASP B 40 -0.58 9.09 -4.80
C ASP B 40 -1.84 9.29 -3.96
N SER B 41 -1.68 9.12 -2.65
CA SER B 41 -2.73 9.33 -1.67
C SER B 41 -3.84 8.28 -1.63
N ASN B 42 -3.75 7.26 -2.49
CA ASN B 42 -4.70 6.15 -2.41
C ASN B 42 -4.50 5.37 -1.12
N ARG B 43 -5.60 4.98 -0.50
CA ARG B 43 -5.56 4.29 0.79
C ARG B 43 -6.20 2.92 0.69
N TYR B 44 -5.61 1.93 1.35
CA TYR B 44 -6.23 0.60 1.42
C TYR B 44 -5.81 -0.20 2.65
N THR B 45 -6.43 -1.36 2.86
CA THR B 45 -6.07 -2.21 3.98
C THR B 45 -5.55 -3.57 3.49
N THR B 46 -4.42 -4.01 4.05
CA THR B 46 -3.91 -5.35 3.75
C THR B 46 -3.62 -6.11 5.05
N TYR B 47 -3.63 -7.44 4.98
CA TYR B 47 -3.37 -8.24 6.17
C TYR B 47 -2.11 -9.07 6.07
N ILE B 48 -1.34 -9.10 7.15
CA ILE B 48 -0.16 -9.94 7.22
C ILE B 48 -0.63 -11.39 7.36
N PRO B 49 -0.22 -12.25 6.41
CA PRO B 49 -0.74 -13.62 6.33
C PRO B 49 -0.10 -14.53 7.37
N VAL B 50 1.21 -14.47 7.50
CA VAL B 50 1.95 -15.17 8.53
C VAL B 50 3.05 -14.24 9.04
N GLN B 51 3.64 -14.57 10.18
CA GLN B 51 4.69 -13.74 10.75
C GLN B 51 5.79 -13.45 9.75
N ASP B 52 6.06 -12.16 9.53
CA ASP B 52 7.07 -11.75 8.56
C ASP B 52 8.13 -10.90 9.25
N PRO B 53 9.24 -11.54 9.63
CA PRO B 53 10.36 -10.89 10.32
C PRO B 53 11.07 -9.89 9.43
N LYS B 54 10.92 -10.03 8.11
CA LYS B 54 11.57 -9.15 7.16
C LYS B 54 10.78 -7.87 6.85
N LEU B 55 9.55 -7.81 7.38
CA LEU B 55 8.63 -6.71 7.06
C LEU B 55 9.12 -5.32 7.49
N LEU B 56 9.39 -5.17 8.78
CA LEU B 56 9.80 -3.88 9.34
C LEU B 56 11.04 -3.31 8.64
N ASP B 57 12.06 -4.14 8.47
CA ASP B 57 13.29 -3.71 7.82
C ASP B 57 13.02 -3.31 6.38
N ASN B 58 12.09 -4.00 5.75
CA ASN B 58 11.69 -3.68 4.37
C ASN B 58 11.05 -2.30 4.30
N LEU B 59 10.11 -2.04 5.20
CA LEU B 59 9.45 -0.74 5.26
C LEU B 59 10.44 0.39 5.54
N LEU B 60 11.37 0.15 6.47
CA LEU B 60 12.33 1.17 6.86
C LEU B 60 13.37 1.45 5.77
N THR B 61 13.77 0.40 5.06
CA THR B 61 14.76 0.54 4.00
C THR B 61 14.19 1.33 2.82
N LYS B 62 12.87 1.26 2.65
CA LYS B 62 12.23 1.97 1.54
C LYS B 62 11.63 3.29 2.02
N ASN B 63 12.14 3.77 3.15
CA ASN B 63 11.74 5.05 3.74
C ASN B 63 10.22 5.22 3.88
N VAL B 64 9.55 4.15 4.27
CA VAL B 64 8.12 4.19 4.54
C VAL B 64 7.88 4.68 5.97
N LYS B 65 6.93 5.60 6.12
CA LYS B 65 6.48 6.04 7.42
C LYS B 65 5.82 4.84 8.11
N VAL B 66 6.38 4.41 9.24
CA VAL B 66 5.84 3.25 9.95
C VAL B 66 5.24 3.67 11.27
N VAL B 67 3.99 3.28 11.50
CA VAL B 67 3.27 3.68 12.70
C VAL B 67 2.56 2.48 13.31
N GLY B 68 2.55 2.41 14.64
CA GLY B 68 1.82 1.36 15.34
C GLY B 68 0.68 1.96 16.14
N GLU B 69 -0.20 1.11 16.64
CA GLU B 69 -1.39 1.57 17.37
C GLU B 69 -1.42 1.06 18.79
N PRO B 70 -2.03 1.83 19.71
CA PRO B 70 -2.21 1.47 21.12
C PRO B 70 -2.73 0.05 21.30
N ARG C 8 5.41 13.88 -9.69
CA ARG C 8 4.03 13.54 -9.99
C ARG C 8 3.23 14.80 -10.29
N LYS C 9 2.32 14.72 -11.25
CA LYS C 9 1.49 15.85 -11.64
C LYS C 9 0.00 15.58 -11.41
N VAL C 10 -0.69 16.56 -10.85
CA VAL C 10 -2.10 16.42 -10.50
C VAL C 10 -2.89 17.58 -11.07
N ASP C 11 -4.11 17.30 -11.52
CA ASP C 11 -4.96 18.29 -12.14
C ASP C 11 -5.46 19.34 -11.16
N TYR C 12 -5.53 20.58 -11.63
CA TYR C 12 -5.93 21.72 -10.82
C TYR C 12 -7.27 21.51 -10.10
N SER C 13 -8.24 20.95 -10.82
CA SER C 13 -9.56 20.70 -10.24
C SER C 13 -9.47 19.70 -9.09
N THR C 14 -8.68 18.66 -9.29
CA THR C 14 -8.45 17.66 -8.25
C THR C 14 -7.74 18.30 -7.05
N PHE C 15 -6.74 19.13 -7.34
CA PHE C 15 -6.02 19.83 -6.28
C PHE C 15 -6.95 20.69 -5.43
N LEU C 16 -7.83 21.45 -6.07
CA LEU C 16 -8.78 22.28 -5.33
C LEU C 16 -9.78 21.44 -4.56
N GLN C 17 -10.17 20.31 -5.14
CA GLN C 17 -11.09 19.39 -4.46
C GLN C 17 -10.45 18.89 -3.17
N GLU C 18 -9.19 18.48 -3.27
CA GLU C 18 -8.42 18.04 -2.11
C GLU C 18 -8.26 19.15 -1.08
N VAL C 19 -8.07 20.39 -1.56
CA VAL C 19 -7.98 21.54 -0.67
C VAL C 19 -9.29 21.72 0.10
N ASN C 20 -10.41 21.55 -0.58
CA ASN C 20 -11.71 21.71 0.04
C ASN C 20 -12.08 20.51 0.91
N ASN C 21 -11.40 19.39 0.68
CA ASN C 21 -11.57 18.21 1.53
C ASN C 21 -10.52 18.15 2.64
N ASP C 22 -9.85 19.29 2.87
CA ASP C 22 -8.92 19.45 3.99
C ASP C 22 -7.73 18.47 3.98
N GLN C 23 -7.29 18.06 2.81
CA GLN C 23 -6.18 17.13 2.70
C GLN C 23 -4.84 17.81 2.42
N VAL C 24 -4.83 19.14 2.34
CA VAL C 24 -3.63 19.87 1.93
C VAL C 24 -2.96 20.62 3.08
N ARG C 25 -1.65 20.43 3.23
CA ARG C 25 -0.88 21.08 4.29
C ARG C 25 -0.20 22.35 3.82
N GLU C 26 0.49 22.28 2.69
CA GLU C 26 1.25 23.42 2.18
C GLU C 26 1.06 23.61 0.68
N ALA C 27 1.20 24.84 0.21
CA ALA C 27 1.13 25.14 -1.21
C ALA C 27 2.24 26.12 -1.59
N ARG C 28 3.26 25.62 -2.27
CA ARG C 28 4.37 26.46 -2.70
C ARG C 28 4.13 26.98 -4.12
N ILE C 29 3.58 28.19 -4.22
CA ILE C 29 3.26 28.76 -5.52
C ILE C 29 4.46 29.49 -6.13
N ASN C 30 4.78 29.13 -7.36
CA ASN C 30 5.90 29.72 -8.07
C ASN C 30 5.46 30.05 -9.48
N GLY C 31 4.82 31.22 -9.62
CA GLY C 31 4.19 31.57 -10.88
C GLY C 31 2.91 30.76 -11.02
N ARG C 32 2.84 29.96 -12.08
CA ARG C 32 1.70 29.09 -12.28
C ARG C 32 1.93 27.72 -11.66
N GLU C 33 3.19 27.43 -11.33
CA GLU C 33 3.53 26.15 -10.72
C GLU C 33 3.27 26.14 -9.22
N ILE C 34 2.49 25.15 -8.78
CA ILE C 34 2.23 24.95 -7.35
C ILE C 34 2.79 23.61 -6.90
N ASN C 35 3.77 23.68 -6.01
CA ASN C 35 4.29 22.48 -5.37
C ASN C 35 3.53 22.23 -4.07
N VAL C 36 2.85 21.09 -4.02
CA VAL C 36 1.91 20.78 -2.97
C VAL C 36 2.44 19.70 -2.04
N THR C 37 2.22 19.91 -0.75
CA THR C 37 2.50 18.91 0.26
C THR C 37 1.20 18.62 1.02
N LYS C 38 0.80 17.35 1.02
CA LYS C 38 -0.44 16.95 1.66
C LYS C 38 -0.21 16.72 3.15
N LYS C 39 -1.31 16.53 3.88
CA LYS C 39 -1.22 16.28 5.32
C LYS C 39 -0.64 14.90 5.61
N ASP C 40 -0.73 14.01 4.62
CA ASP C 40 -0.15 12.68 4.75
C ASP C 40 1.29 12.66 4.18
N SER C 41 1.89 13.84 4.05
CA SER C 41 3.29 13.96 3.60
C SER C 41 3.52 13.68 2.11
N ASN C 42 2.45 13.36 1.38
CA ASN C 42 2.53 13.21 -0.08
C ASN C 42 2.78 14.53 -0.80
N ARG C 43 3.61 14.45 -1.84
CA ARG C 43 4.01 15.62 -2.60
C ARG C 43 3.55 15.51 -4.04
N TYR C 44 3.08 16.61 -4.62
CA TYR C 44 2.84 16.62 -6.06
C TYR C 44 2.89 18.02 -6.65
N THR C 45 2.86 18.12 -7.97
CA THR C 45 2.87 19.41 -8.63
C THR C 45 1.59 19.62 -9.43
N THR C 46 0.98 20.80 -9.27
CA THR C 46 -0.17 21.14 -10.10
C THR C 46 0.08 22.50 -10.75
N TYR C 47 -0.57 22.74 -11.89
CA TYR C 47 -0.38 24.00 -12.58
C TYR C 47 -1.67 24.81 -12.64
N ILE C 48 -1.56 26.11 -12.40
CA ILE C 48 -2.71 27.00 -12.52
C ILE C 48 -3.03 27.15 -14.01
N PRO C 49 -4.26 26.79 -14.40
CA PRO C 49 -4.64 26.75 -15.81
C PRO C 49 -4.92 28.13 -16.39
N VAL C 50 -5.69 28.92 -15.65
CA VAL C 50 -5.94 30.32 -16.00
C VAL C 50 -5.91 31.13 -14.72
N GLN C 51 -5.81 32.45 -14.86
CA GLN C 51 -5.79 33.35 -13.72
C GLN C 51 -6.97 33.04 -12.80
N ASP C 52 -6.68 32.73 -11.54
CA ASP C 52 -7.71 32.32 -10.60
C ASP C 52 -7.71 33.22 -9.38
N PRO C 53 -8.61 34.22 -9.36
CA PRO C 53 -8.72 35.18 -8.26
C PRO C 53 -9.21 34.54 -6.96
N LYS C 54 -9.88 33.39 -7.06
CA LYS C 54 -10.43 32.73 -5.88
C LYS C 54 -9.44 31.79 -5.17
N LEU C 55 -8.29 31.57 -5.78
CA LEU C 55 -7.34 30.58 -5.27
C LEU C 55 -6.84 30.88 -3.86
N LEU C 56 -6.28 32.07 -3.68
CA LEU C 56 -5.71 32.47 -2.39
C LEU C 56 -6.73 32.36 -1.26
N ASP C 57 -7.95 32.86 -1.48
CA ASP C 57 -9.00 32.76 -0.48
C ASP C 57 -9.33 31.31 -0.16
N ASN C 58 -9.27 30.46 -1.19
CA ASN C 58 -9.54 29.05 -0.99
C ASN C 58 -8.49 28.41 -0.09
N LEU C 59 -7.22 28.68 -0.39
CA LEU C 59 -6.12 28.17 0.40
C LEU C 59 -6.18 28.64 1.84
N LEU C 60 -6.45 29.93 2.03
CA LEU C 60 -6.47 30.53 3.37
C LEU C 60 -7.68 30.10 4.20
N THR C 61 -8.82 29.93 3.56
CA THR C 61 -10.05 29.53 4.25
C THR C 61 -9.93 28.10 4.75
N LYS C 62 -9.14 27.29 4.04
CA LYS C 62 -8.94 25.90 4.41
C LYS C 62 -7.66 25.74 5.22
N ASN C 63 -7.19 26.85 5.78
CA ASN C 63 -5.99 26.88 6.61
C ASN C 63 -4.78 26.19 6.00
N VAL C 64 -4.58 26.39 4.70
CA VAL C 64 -3.41 25.88 4.01
C VAL C 64 -2.23 26.84 4.17
N LYS C 65 -1.07 26.29 4.50
CA LYS C 65 0.17 27.05 4.52
C LYS C 65 0.51 27.49 3.10
N VAL C 66 0.56 28.80 2.88
CA VAL C 66 0.83 29.33 1.55
C VAL C 66 2.16 30.07 1.46
N VAL C 67 2.95 29.73 0.45
CA VAL C 67 4.25 30.35 0.24
C VAL C 67 4.49 30.72 -1.22
N GLY C 68 5.14 31.87 -1.41
CA GLY C 68 5.57 32.33 -2.71
C GLY C 68 7.08 32.33 -2.78
N GLU C 69 7.63 32.53 -3.97
CA GLU C 69 9.08 32.45 -4.16
C GLU C 69 9.65 33.79 -4.61
N PRO C 70 10.92 34.07 -4.24
CA PRO C 70 11.67 35.27 -4.61
C PRO C 70 11.53 35.59 -6.10
#